data_3MQM
#
_entry.id   3MQM
#
_cell.length_a   69.590
_cell.length_b   69.590
_cell.length_c   151.340
_cell.angle_alpha   90.000
_cell.angle_beta   90.000
_cell.angle_gamma   120.000
#
_symmetry.space_group_name_H-M   'P 65'
#
loop_
_entity.id
_entity.type
_entity.pdbx_description
1 polymer 'Probable histone-lysine N-methyltransferase ASH1L'
2 water water
#
_entity_poly.entity_id   1
_entity_poly.type   'polypeptide(L)'
_entity_poly.pdbx_seq_one_letter_code
;SMEVARAARLAQIFKEICDGIISYKDSSRQALAAPLLNLPPKKKNADYYEKISDPLDLITIEKQILTGYYKTVEAFDADM
LKVFRNAEKYYGRKSPVGRDVCRLRKAYYNARHEASAQIDEIVGET
;
_entity_poly.pdbx_strand_id   A,B
#
# COMPACT_ATOMS: atom_id res chain seq x y z
N SER A 1 -12.88 2.17 -19.48
CA SER A 1 -11.79 1.84 -20.45
C SER A 1 -11.40 0.35 -20.48
N MET A 2 -10.46 0.04 -21.36
CA MET A 2 -10.06 -1.34 -21.66
C MET A 2 -8.92 -1.75 -20.74
N GLU A 3 -8.98 -2.97 -20.21
CA GLU A 3 -8.07 -3.32 -19.14
C GLU A 3 -6.61 -3.21 -19.59
N VAL A 4 -6.25 -3.83 -20.70
CA VAL A 4 -4.88 -3.73 -21.18
C VAL A 4 -4.43 -2.27 -21.33
N ALA A 5 -5.34 -1.36 -21.71
CA ALA A 5 -4.97 0.07 -21.77
C ALA A 5 -4.65 0.54 -20.34
N ARG A 6 -5.57 0.27 -19.43
CA ARG A 6 -5.39 0.63 -18.04
C ARG A 6 -4.05 0.12 -17.55
N ALA A 7 -3.80 -1.18 -17.74
CA ALA A 7 -2.57 -1.85 -17.28
C ALA A 7 -1.31 -1.27 -17.92
N ALA A 8 -1.43 -0.67 -19.10
CA ALA A 8 -0.30 0.01 -19.75
C ALA A 8 -0.05 1.37 -19.13
N ARG A 9 -1.13 2.12 -18.87
CA ARG A 9 -1.02 3.42 -18.19
C ARG A 9 -0.34 3.20 -16.83
N LEU A 10 -0.73 2.14 -16.13
CA LEU A 10 -0.16 1.81 -14.81
C LEU A 10 1.30 1.44 -14.96
N ALA A 11 1.58 0.49 -15.86
CA ALA A 11 2.96 0.12 -16.21
C ALA A 11 3.88 1.33 -16.38
N GLN A 12 3.41 2.36 -17.07
CA GLN A 12 4.26 3.55 -17.32
C GLN A 12 4.60 4.23 -15.99
N ILE A 13 3.61 4.30 -15.11
CA ILE A 13 3.80 4.87 -13.78
C ILE A 13 4.76 4.00 -12.96
N PHE A 14 4.51 2.70 -12.92
CA PHE A 14 5.39 1.80 -12.19
C PHE A 14 6.85 1.89 -12.68
N LYS A 15 7.07 1.97 -13.99
CA LYS A 15 8.43 2.12 -14.51
C LYS A 15 9.09 3.42 -14.06
N GLU A 16 8.36 4.53 -14.06
CA GLU A 16 8.94 5.80 -13.60
C GLU A 16 9.40 5.71 -12.14
N ILE A 17 8.59 5.08 -11.30
CA ILE A 17 8.85 4.99 -9.88
C ILE A 17 10.05 4.12 -9.66
N CYS A 18 9.97 2.93 -10.23
CA CYS A 18 11.09 2.00 -10.18
C CYS A 18 12.39 2.50 -10.80
N ASP A 19 12.33 3.35 -11.82
CA ASP A 19 13.56 3.96 -12.36
C ASP A 19 14.11 5.00 -11.38
N GLY A 20 13.22 5.66 -10.65
CA GLY A 20 13.63 6.64 -9.64
C GLY A 20 14.41 5.95 -8.54
N ILE A 21 13.97 4.74 -8.16
CA ILE A 21 14.64 3.93 -7.13
C ILE A 21 15.99 3.41 -7.64
N ILE A 22 16.01 2.84 -8.84
CA ILE A 22 17.23 2.33 -9.43
C ILE A 22 18.26 3.41 -9.64
N SER A 23 17.83 4.58 -10.11
CA SER A 23 18.77 5.66 -10.38
C SER A 23 19.12 6.46 -9.13
N TYR A 24 18.34 6.31 -8.07
CA TYR A 24 18.47 7.15 -6.89
C TYR A 24 19.91 7.30 -6.41
N LYS A 25 20.34 8.54 -6.20
CA LYS A 25 21.71 8.81 -5.75
C LYS A 25 21.70 9.69 -4.52
N ASP A 26 22.64 9.45 -3.61
CA ASP A 26 22.86 10.35 -2.48
C ASP A 26 23.60 11.57 -3.01
N SER A 27 23.62 12.64 -2.25
CA SER A 27 24.49 13.77 -2.58
C SER A 27 25.86 13.26 -3.10
N SER A 28 26.37 12.20 -2.45
CA SER A 28 27.65 11.57 -2.85
C SER A 28 27.68 10.90 -4.24
N ARG A 29 26.60 11.01 -5.04
CA ARG A 29 26.63 10.56 -6.44
C ARG A 29 26.83 9.01 -6.63
N GLN A 30 26.71 8.27 -5.53
CA GLN A 30 26.79 6.80 -5.52
C GLN A 30 25.37 6.21 -5.48
N ALA A 31 25.14 5.14 -6.23
CA ALA A 31 23.79 4.60 -6.43
C ALA A 31 23.38 3.68 -5.28
N LEU A 32 22.48 4.19 -4.43
CA LEU A 32 22.02 3.43 -3.27
C LEU A 32 21.32 2.11 -3.62
N ALA A 33 20.60 2.06 -4.73
CA ALA A 33 19.88 0.85 -5.14
C ALA A 33 20.77 -0.20 -5.76
N ALA A 34 22.08 0.06 -5.83
CA ALA A 34 23.04 -0.82 -6.53
C ALA A 34 23.00 -2.24 -6.02
N PRO A 35 23.06 -2.42 -4.68
CA PRO A 35 22.98 -3.79 -4.12
C PRO A 35 21.68 -4.52 -4.44
N LEU A 36 20.62 -3.78 -4.78
CA LEU A 36 19.31 -4.37 -4.99
C LEU A 36 19.06 -4.82 -6.41
N LEU A 37 20.00 -4.56 -7.31
CA LEU A 37 19.73 -4.66 -8.75
C LEU A 37 19.72 -6.11 -9.24
N ASN A 38 20.72 -6.87 -8.79
CA ASN A 38 20.90 -8.26 -9.19
C ASN A 38 20.94 -9.20 -8.01
N LEU A 39 20.21 -10.30 -8.12
CA LEU A 39 20.27 -11.35 -7.10
C LEU A 39 21.64 -12.02 -7.14
N PRO A 40 22.31 -12.17 -5.98
CA PRO A 40 23.64 -12.80 -5.91
C PRO A 40 23.64 -14.16 -6.59
N PRO A 41 24.65 -14.45 -7.42
CA PRO A 41 24.70 -15.74 -8.13
C PRO A 41 24.65 -16.96 -7.21
N LYS A 42 23.70 -17.85 -7.46
CA LYS A 42 23.41 -18.98 -6.58
C LYS A 42 24.68 -19.76 -6.26
N LYS A 43 25.46 -20.07 -7.29
CA LYS A 43 26.62 -20.94 -7.11
C LYS A 43 27.56 -20.51 -5.97
N LYS A 44 27.91 -19.24 -5.85
CA LYS A 44 28.79 -18.86 -4.71
C LYS A 44 28.08 -18.06 -3.59
N ASN A 45 26.75 -18.00 -3.60
CA ASN A 45 26.04 -17.45 -2.43
C ASN A 45 24.91 -18.38 -2.05
N ALA A 46 25.23 -19.67 -1.86
CA ALA A 46 24.24 -20.68 -1.45
C ALA A 46 23.60 -20.32 -0.10
N ASP A 47 24.33 -19.58 0.74
CA ASP A 47 23.83 -19.14 2.04
C ASP A 47 22.71 -18.11 1.97
N TYR A 48 22.73 -17.29 0.92
CA TYR A 48 21.65 -16.35 0.63
C TYR A 48 20.32 -17.10 0.43
N TYR A 49 20.32 -18.04 -0.49
CA TYR A 49 19.09 -18.74 -0.87
C TYR A 49 18.59 -19.73 0.19
N GLU A 50 19.36 -19.89 1.26
CA GLU A 50 18.89 -20.58 2.48
C GLU A 50 18.21 -19.60 3.46
N LYS A 51 18.70 -18.36 3.54
CA LYS A 51 18.06 -17.32 4.39
C LYS A 51 16.83 -16.63 3.74
N ILE A 52 16.81 -16.54 2.40
CA ILE A 52 15.68 -15.94 1.67
C ILE A 52 14.89 -16.97 0.83
N SER A 53 13.60 -16.99 1.09
CA SER A 53 12.65 -17.96 0.55
C SER A 53 12.13 -17.51 -0.78
N ASP A 54 11.85 -16.21 -0.84
CA ASP A 54 11.20 -15.60 -1.99
C ASP A 54 12.07 -14.44 -2.53
N PRO A 55 13.17 -14.79 -3.22
CA PRO A 55 14.18 -13.82 -3.62
C PRO A 55 13.72 -13.02 -4.83
N LEU A 56 13.99 -11.72 -4.85
CA LEU A 56 13.64 -10.90 -6.03
C LEU A 56 14.60 -9.73 -6.13
N ASP A 57 14.97 -9.38 -7.36
CA ASP A 57 15.81 -8.22 -7.62
C ASP A 57 15.07 -7.19 -8.42
N LEU A 58 15.56 -5.93 -8.44
CA LEU A 58 14.93 -4.81 -9.20
C LEU A 58 14.97 -5.05 -10.70
N ILE A 59 16.00 -5.71 -11.21
CA ILE A 59 16.08 -5.96 -12.65
C ILE A 59 14.87 -6.76 -13.10
N THR A 60 14.54 -7.82 -12.34
CA THR A 60 13.34 -8.64 -12.60
C THR A 60 12.03 -7.83 -12.55
N ILE A 61 11.89 -6.99 -11.52
CA ILE A 61 10.70 -6.15 -11.44
C ILE A 61 10.62 -5.25 -12.67
N GLU A 62 11.72 -4.62 -12.99
CA GLU A 62 11.80 -3.71 -14.13
C GLU A 62 11.35 -4.44 -15.41
N LYS A 63 11.77 -5.70 -15.52
CA LYS A 63 11.47 -6.55 -16.69
C LYS A 63 9.98 -6.84 -16.72
N GLN A 64 9.47 -7.39 -15.64
CA GLN A 64 8.04 -7.71 -15.56
C GLN A 64 7.11 -6.49 -15.76
N ILE A 65 7.51 -5.29 -15.35
CA ILE A 65 6.66 -4.12 -15.56
C ILE A 65 6.33 -4.00 -17.02
N LEU A 66 7.37 -4.03 -17.85
CA LEU A 66 7.24 -3.88 -19.31
C LEU A 66 6.22 -4.84 -19.97
N THR A 67 5.93 -5.96 -19.30
CA THR A 67 5.04 -7.05 -19.75
C THR A 67 3.60 -6.74 -19.47
N GLY A 68 3.38 -5.82 -18.53
CA GLY A 68 2.07 -5.65 -17.93
C GLY A 68 1.82 -6.71 -16.88
N TYR A 69 2.88 -7.32 -16.36
CA TYR A 69 2.74 -8.32 -15.30
C TYR A 69 2.06 -7.81 -14.01
N TYR A 70 2.15 -6.52 -13.78
CA TYR A 70 1.56 -5.92 -12.59
C TYR A 70 0.26 -5.25 -12.96
N LYS A 71 -0.84 -5.87 -12.56
CA LYS A 71 -2.16 -5.51 -13.04
C LYS A 71 -2.81 -4.59 -12.01
N THR A 72 -2.33 -4.67 -10.77
CA THR A 72 -2.64 -3.72 -9.71
C THR A 72 -1.38 -3.14 -9.07
N VAL A 73 -1.56 -1.99 -8.40
CA VAL A 73 -0.47 -1.38 -7.67
C VAL A 73 -0.10 -2.17 -6.40
N GLU A 74 -1.04 -2.91 -5.85
CA GLU A 74 -0.74 -3.75 -4.70
C GLU A 74 0.29 -4.81 -5.06
N ALA A 75 0.17 -5.37 -6.26
CA ALA A 75 1.10 -6.43 -6.68
C ALA A 75 2.49 -5.87 -6.82
N PHE A 76 2.54 -4.66 -7.37
CA PHE A 76 3.77 -3.88 -7.50
C PHE A 76 4.35 -3.57 -6.13
N ASP A 77 3.56 -2.89 -5.30
CA ASP A 77 3.99 -2.60 -3.94
C ASP A 77 4.59 -3.85 -3.30
N ALA A 78 3.88 -4.96 -3.42
CA ALA A 78 4.26 -6.21 -2.75
C ALA A 78 5.63 -6.62 -3.22
N ASP A 79 5.85 -6.62 -4.54
CA ASP A 79 7.17 -6.97 -5.07
C ASP A 79 8.27 -5.96 -4.67
N MET A 80 8.02 -4.67 -4.86
CA MET A 80 9.03 -3.67 -4.48
C MET A 80 9.40 -3.81 -3.01
N LEU A 81 8.41 -3.90 -2.11
CA LEU A 81 8.70 -4.01 -0.67
C LEU A 81 9.35 -5.30 -0.23
N LYS A 82 9.15 -6.37 -0.99
CA LYS A 82 9.78 -7.69 -0.75
C LYS A 82 11.29 -7.64 -1.02
N VAL A 83 11.65 -6.93 -2.07
CA VAL A 83 13.06 -6.67 -2.41
C VAL A 83 13.74 -5.86 -1.30
N PHE A 84 13.04 -4.90 -0.70
CA PHE A 84 13.62 -4.16 0.45
C PHE A 84 13.72 -5.05 1.71
N ARG A 85 12.65 -5.79 2.00
CA ARG A 85 12.58 -6.64 3.20
C ARG A 85 13.65 -7.71 3.12
N ASN A 86 13.70 -8.45 2.02
CA ASN A 86 14.77 -9.43 1.80
C ASN A 86 16.16 -8.85 2.03
N ALA A 87 16.35 -7.57 1.70
CA ALA A 87 17.68 -6.96 1.83
C ALA A 87 18.00 -6.74 3.31
N GLU A 88 17.05 -6.22 4.05
CA GLU A 88 17.18 -6.06 5.51
C GLU A 88 17.28 -7.38 6.27
N LYS A 89 16.56 -8.39 5.80
CA LYS A 89 16.61 -9.70 6.43
C LYS A 89 18.01 -10.27 6.25
N TYR A 90 18.62 -10.08 5.07
CA TYR A 90 19.95 -10.64 4.80
C TYR A 90 21.15 -9.83 5.28
N TYR A 91 21.12 -8.51 5.12
CA TYR A 91 22.25 -7.67 5.54
C TYR A 91 22.08 -7.09 6.92
N GLY A 92 20.83 -6.90 7.37
CA GLY A 92 20.56 -6.34 8.69
C GLY A 92 20.23 -4.88 8.60
N ARG A 93 19.12 -4.48 9.21
CA ARG A 93 18.67 -3.07 9.18
C ARG A 93 19.79 -2.09 9.45
N LYS A 94 20.81 -2.54 10.19
CA LYS A 94 21.88 -1.68 10.72
C LYS A 94 23.14 -1.63 9.83
N SER A 95 23.27 -2.59 8.92
CA SER A 95 24.38 -2.65 7.95
C SER A 95 24.31 -1.48 6.97
N PRO A 96 25.40 -1.21 6.22
CA PRO A 96 25.36 -0.07 5.29
C PRO A 96 24.32 -0.26 4.18
N VAL A 97 24.03 -1.52 3.82
CA VAL A 97 22.98 -1.83 2.84
C VAL A 97 21.56 -1.63 3.38
N GLY A 98 21.39 -1.71 4.69
CA GLY A 98 20.11 -1.50 5.34
C GLY A 98 19.85 -0.02 5.58
N ARG A 99 20.90 0.71 5.95
CA ARG A 99 20.85 2.16 6.01
C ARG A 99 20.37 2.67 4.67
N ASP A 100 20.82 2.04 3.58
CA ASP A 100 20.47 2.45 2.22
C ASP A 100 19.02 2.10 1.92
N VAL A 101 18.71 0.80 2.04
CA VAL A 101 17.35 0.31 1.78
C VAL A 101 16.36 1.10 2.60
N CYS A 102 16.68 1.35 3.85
CA CYS A 102 15.84 2.19 4.68
C CYS A 102 15.51 3.50 3.96
N ARG A 103 16.54 4.18 3.48
CA ARG A 103 16.39 5.50 2.84
C ARG A 103 15.63 5.38 1.53
N LEU A 104 15.88 4.29 0.82
CA LEU A 104 15.18 4.06 -0.44
C LEU A 104 13.69 3.89 -0.25
N ARG A 105 13.28 3.26 0.86
CA ARG A 105 11.84 3.12 1.18
C ARG A 105 11.14 4.49 1.22
N LYS A 106 11.73 5.44 1.99
CA LYS A 106 11.21 6.82 2.07
C LYS A 106 11.02 7.35 0.65
N ALA A 107 12.02 7.14 -0.19
CA ALA A 107 11.94 7.62 -1.60
C ALA A 107 10.75 6.96 -2.26
N TYR A 108 10.64 5.65 -2.04
CA TYR A 108 9.54 4.84 -2.57
C TYR A 108 8.20 5.32 -2.07
N TYR A 109 8.05 5.64 -0.78
CA TYR A 109 6.73 6.10 -0.33
C TYR A 109 6.35 7.47 -0.88
N ASN A 110 7.34 8.32 -1.16
CA ASN A 110 7.02 9.64 -1.73
C ASN A 110 6.57 9.52 -3.16
N ALA A 111 7.32 8.79 -3.97
CA ALA A 111 6.95 8.60 -5.36
C ALA A 111 5.61 7.88 -5.45
N ARG A 112 5.37 6.94 -4.55
CA ARG A 112 4.07 6.28 -4.48
C ARG A 112 2.96 7.19 -3.99
N HIS A 113 3.24 8.06 -3.02
CA HIS A 113 2.22 9.02 -2.62
C HIS A 113 1.89 9.94 -3.78
N GLU A 114 2.89 10.42 -4.49
CA GLU A 114 2.65 11.40 -5.57
C GLU A 114 1.90 10.81 -6.78
N ALA A 115 2.18 9.55 -7.11
CA ALA A 115 1.47 8.90 -8.19
C ALA A 115 0.03 8.61 -7.85
N SER A 116 -0.31 8.56 -6.56
CA SER A 116 -1.58 7.99 -6.12
C SER A 116 -2.81 8.58 -6.80
N ALA A 117 -2.76 9.88 -7.11
CA ALA A 117 -3.89 10.52 -7.77
C ALA A 117 -4.12 9.89 -9.16
N GLN A 118 -3.07 9.81 -9.95
CA GLN A 118 -3.19 9.26 -11.32
C GLN A 118 -3.61 7.81 -11.26
N ILE A 119 -3.05 7.06 -10.31
CA ILE A 119 -3.39 5.65 -10.13
C ILE A 119 -4.87 5.45 -9.82
N ASP A 120 -5.44 6.36 -9.03
CA ASP A 120 -6.85 6.27 -8.71
C ASP A 120 -7.71 6.57 -9.92
N GLU A 121 -7.35 7.60 -10.68
CA GLU A 121 -8.12 7.96 -11.89
C GLU A 121 -8.17 6.78 -12.87
N ILE A 122 -7.09 6.00 -12.96
CA ILE A 122 -7.05 4.82 -13.83
C ILE A 122 -7.87 3.68 -13.26
N VAL A 123 -7.53 3.22 -12.06
CA VAL A 123 -8.25 2.11 -11.44
C VAL A 123 -9.75 2.38 -11.34
N GLY A 124 -10.11 3.65 -11.14
CA GLY A 124 -11.51 4.05 -10.97
C GLY A 124 -12.26 4.37 -12.26
N GLU A 125 -11.83 3.77 -13.37
CA GLU A 125 -12.60 3.71 -14.61
C GLU A 125 -13.24 2.32 -14.76
N THR A 126 -12.91 1.39 -13.85
CA THR A 126 -13.34 0.00 -13.94
C THR A 126 -14.75 -0.12 -14.50
N SER B 1 11.77 -8.42 20.29
CA SER B 1 10.34 -8.31 20.72
C SER B 1 9.54 -9.54 20.34
N MET B 2 8.24 -9.43 20.55
CA MET B 2 7.23 -10.47 20.45
C MET B 2 6.17 -10.00 19.42
N GLU B 3 5.49 -10.92 18.73
CA GLU B 3 4.52 -10.54 17.68
C GLU B 3 3.29 -9.79 18.19
N VAL B 4 2.57 -10.40 19.13
CA VAL B 4 1.39 -9.74 19.70
C VAL B 4 1.70 -8.30 20.17
N ALA B 5 2.90 -8.04 20.67
CA ALA B 5 3.27 -6.66 21.06
C ALA B 5 3.35 -5.79 19.81
N ARG B 6 4.03 -6.30 18.79
CA ARG B 6 4.07 -5.64 17.49
C ARG B 6 2.65 -5.38 16.95
N ALA B 7 1.83 -6.43 16.96
CA ALA B 7 0.47 -6.34 16.44
C ALA B 7 -0.43 -5.36 17.22
N ALA B 8 -0.07 -5.11 18.48
CA ALA B 8 -0.76 -4.11 19.28
C ALA B 8 -0.26 -2.71 18.94
N ARG B 9 1.07 -2.53 18.85
CA ARG B 9 1.64 -1.24 18.43
C ARG B 9 1.00 -0.81 17.12
N LEU B 10 0.86 -1.75 16.18
CA LEU B 10 0.25 -1.49 14.85
C LEU B 10 -1.19 -1.13 15.02
N ALA B 11 -1.94 -1.99 15.72
CA ALA B 11 -3.36 -1.70 16.05
C ALA B 11 -3.61 -0.25 16.48
N GLN B 12 -2.75 0.27 17.34
CA GLN B 12 -2.93 1.63 17.86
C GLN B 12 -2.85 2.64 16.69
N ILE B 13 -1.89 2.41 15.80
CA ILE B 13 -1.71 3.24 14.61
C ILE B 13 -2.95 3.11 13.70
N PHE B 14 -3.33 1.88 13.39
CA PHE B 14 -4.50 1.69 12.56
C PHE B 14 -5.75 2.37 13.15
N LYS B 15 -5.96 2.28 14.45
CA LYS B 15 -7.11 2.96 15.05
C LYS B 15 -7.05 4.48 14.87
N GLU B 16 -5.88 5.08 15.09
CA GLU B 16 -5.75 6.54 14.95
C GLU B 16 -6.11 6.99 13.54
N ILE B 17 -5.64 6.21 12.55
CA ILE B 17 -5.87 6.52 11.15
C ILE B 17 -7.33 6.36 10.82
N CYS B 18 -7.88 5.20 11.14
CA CYS B 18 -9.32 4.92 10.94
C CYS B 18 -10.24 5.87 11.73
N ASP B 19 -9.80 6.40 12.87
CA ASP B 19 -10.58 7.43 13.59
C ASP B 19 -10.51 8.78 12.87
N GLY B 20 -9.38 9.04 12.22
CA GLY B 20 -9.21 10.28 11.46
C GLY B 20 -10.20 10.31 10.31
N ILE B 21 -10.36 9.15 9.65
CA ILE B 21 -11.27 9.00 8.54
C ILE B 21 -12.72 9.07 9.00
N ILE B 22 -13.06 8.35 10.07
CA ILE B 22 -14.42 8.38 10.61
C ILE B 22 -14.83 9.78 11.05
N SER B 23 -13.92 10.46 11.74
CA SER B 23 -14.24 11.78 12.27
C SER B 23 -14.08 12.90 11.23
N TYR B 24 -13.45 12.60 10.10
CA TYR B 24 -13.08 13.63 9.11
C TYR B 24 -14.23 14.53 8.73
N LYS B 25 -14.01 15.85 8.79
CA LYS B 25 -15.06 16.81 8.49
C LYS B 25 -14.61 17.86 7.46
N ASP B 26 -15.58 18.44 6.73
CA ASP B 26 -15.31 19.45 5.70
C ASP B 26 -15.68 20.87 6.14
N SER B 27 -15.54 21.80 5.21
CA SER B 27 -15.97 23.18 5.39
C SER B 27 -17.25 23.33 6.22
N SER B 28 -18.36 22.74 5.75
CA SER B 28 -19.69 22.86 6.42
C SER B 28 -19.80 22.10 7.76
N ARG B 29 -18.71 22.00 8.51
CA ARG B 29 -18.69 21.07 9.64
C ARG B 29 -19.47 19.77 9.25
N GLN B 30 -18.96 19.04 8.25
CA GLN B 30 -19.66 17.87 7.65
C GLN B 30 -18.86 16.54 7.71
N ALA B 31 -19.48 15.48 8.26
CA ALA B 31 -18.80 14.20 8.47
C ALA B 31 -18.81 13.30 7.21
N LEU B 32 -17.81 13.51 6.38
CA LEU B 32 -17.74 12.87 5.07
C LEU B 32 -17.78 11.34 5.10
N ALA B 33 -17.27 10.71 6.15
CA ALA B 33 -17.23 9.26 6.27
C ALA B 33 -18.58 8.66 6.69
N ALA B 34 -19.58 9.52 6.91
CA ALA B 34 -20.90 9.08 7.43
C ALA B 34 -21.55 7.95 6.62
N PRO B 35 -21.60 8.08 5.28
CA PRO B 35 -22.15 6.98 4.46
C PRO B 35 -21.35 5.68 4.51
N LEU B 36 -20.09 5.73 4.93
CA LEU B 36 -19.23 4.54 4.99
C LEU B 36 -19.27 3.78 6.32
N LEU B 37 -20.07 4.23 7.29
CA LEU B 37 -19.95 3.75 8.67
C LEU B 37 -20.65 2.42 8.88
N ASN B 38 -21.88 2.33 8.37
CA ASN B 38 -22.72 1.14 8.49
C ASN B 38 -23.09 0.60 7.11
N LEU B 39 -23.06 -0.72 6.97
CA LEU B 39 -23.57 -1.36 5.76
C LEU B 39 -25.09 -1.23 5.75
N PRO B 40 -25.68 -0.89 4.58
CA PRO B 40 -27.15 -0.78 4.46
C PRO B 40 -27.83 -2.06 4.87
N PRO B 41 -28.90 -1.98 5.68
CA PRO B 41 -29.60 -3.19 6.13
C PRO B 41 -30.10 -4.07 4.98
N LYS B 42 -29.69 -5.34 4.99
CA LYS B 42 -29.93 -6.27 3.88
C LYS B 42 -31.40 -6.29 3.47
N LYS B 43 -32.29 -6.39 4.46
CA LYS B 43 -33.72 -6.50 4.17
C LYS B 43 -34.20 -5.35 3.27
N LYS B 44 -33.76 -4.12 3.51
CA LYS B 44 -34.22 -2.95 2.70
C LYS B 44 -33.32 -2.57 1.53
N ASN B 45 -32.19 -3.24 1.37
CA ASN B 45 -31.30 -2.89 0.27
C ASN B 45 -30.72 -4.16 -0.33
N ALA B 46 -31.61 -5.06 -0.77
CA ALA B 46 -31.20 -6.31 -1.42
C ALA B 46 -30.41 -6.05 -2.72
N ASP B 47 -30.64 -4.89 -3.34
CA ASP B 47 -29.94 -4.50 -4.58
C ASP B 47 -28.46 -4.16 -4.36
N TYR B 48 -28.14 -3.67 -3.16
CA TYR B 48 -26.75 -3.44 -2.76
C TYR B 48 -25.96 -4.75 -2.78
N TYR B 49 -26.47 -5.75 -2.07
CA TYR B 49 -25.76 -7.01 -1.89
C TYR B 49 -25.71 -7.88 -3.16
N GLU B 50 -26.42 -7.44 -4.19
CA GLU B 50 -26.29 -8.00 -5.53
C GLU B 50 -25.19 -7.28 -6.32
N LYS B 51 -25.03 -5.96 -6.15
CA LYS B 51 -23.89 -5.23 -6.81
C LYS B 51 -22.53 -5.35 -6.08
N ILE B 52 -22.54 -5.57 -4.77
CA ILE B 52 -21.31 -5.75 -3.98
C ILE B 52 -21.17 -7.17 -3.43
N SER B 53 -20.01 -7.75 -3.72
CA SER B 53 -19.68 -9.15 -3.45
C SER B 53 -19.05 -9.27 -2.09
N ASP B 54 -18.20 -8.30 -1.79
CA ASP B 54 -17.40 -8.31 -0.58
C ASP B 54 -17.65 -7.01 0.20
N PRO B 55 -18.82 -6.92 0.86
CA PRO B 55 -19.24 -5.71 1.53
C PRO B 55 -18.49 -5.50 2.83
N LEU B 56 -18.11 -4.27 3.15
CA LEU B 56 -17.46 -3.97 4.45
C LEU B 56 -17.71 -2.52 4.85
N ASP B 57 -17.78 -2.28 6.16
CA ASP B 57 -17.99 -0.94 6.66
C ASP B 57 -16.90 -0.55 7.64
N LEU B 58 -16.83 0.75 7.92
CA LEU B 58 -15.83 1.25 8.84
C LEU B 58 -16.04 0.83 10.27
N ILE B 59 -17.27 0.53 10.66
CA ILE B 59 -17.57 0.09 12.03
C ILE B 59 -16.95 -1.27 12.26
N THR B 60 -17.13 -2.16 11.28
CA THR B 60 -16.48 -3.49 11.32
C THR B 60 -14.94 -3.37 11.39
N ILE B 61 -14.36 -2.55 10.52
CA ILE B 61 -12.91 -2.38 10.54
C ILE B 61 -12.50 -1.94 11.93
N GLU B 62 -13.11 -0.85 12.39
CA GLU B 62 -12.82 -0.30 13.71
C GLU B 62 -12.85 -1.40 14.80
N LYS B 63 -13.83 -2.30 14.70
CA LYS B 63 -14.02 -3.39 15.65
C LYS B 63 -12.87 -4.37 15.54
N GLN B 64 -12.64 -4.88 14.35
CA GLN B 64 -11.55 -5.82 14.11
C GLN B 64 -10.17 -5.29 14.49
N ILE B 65 -9.94 -3.99 14.37
CA ILE B 65 -8.63 -3.44 14.77
C ILE B 65 -8.39 -3.81 16.20
N LEU B 66 -9.36 -3.48 17.05
CA LEU B 66 -9.23 -3.71 18.50
C LEU B 66 -8.83 -5.15 18.90
N THR B 67 -9.07 -6.10 18.00
CA THR B 67 -8.81 -7.55 18.20
C THR B 67 -7.38 -7.92 17.91
N GLY B 68 -6.69 -7.04 17.19
CA GLY B 68 -5.46 -7.40 16.54
C GLY B 68 -5.72 -8.20 15.29
N TYR B 69 -6.92 -8.13 14.74
CA TYR B 69 -7.22 -8.83 13.49
C TYR B 69 -6.28 -8.48 12.31
N TYR B 70 -5.70 -7.28 12.31
CA TYR B 70 -4.84 -6.84 11.22
C TYR B 70 -3.37 -6.99 11.62
N LYS B 71 -2.72 -8.02 11.09
CA LYS B 71 -1.38 -8.38 11.55
C LYS B 71 -0.35 -7.64 10.70
N THR B 72 -0.76 -7.27 9.49
CA THR B 72 0.00 -6.39 8.61
C THR B 72 -0.80 -5.18 8.12
N VAL B 73 -0.06 -4.13 7.75
CA VAL B 73 -0.68 -2.93 7.21
C VAL B 73 -1.29 -3.16 5.83
N GLU B 74 -0.78 -4.14 5.10
CA GLU B 74 -1.38 -4.49 3.82
C GLU B 74 -2.80 -5.00 3.98
N ALA B 75 -3.05 -5.75 5.05
CA ALA B 75 -4.38 -6.31 5.31
C ALA B 75 -5.33 -5.17 5.63
N PHE B 76 -4.84 -4.24 6.44
CA PHE B 76 -5.55 -3.00 6.78
C PHE B 76 -5.84 -2.16 5.55
N ASP B 77 -4.81 -1.84 4.77
CA ASP B 77 -4.99 -1.14 3.52
C ASP B 77 -6.06 -1.80 2.67
N ALA B 78 -6.02 -3.11 2.55
CA ALA B 78 -6.94 -3.84 1.66
C ALA B 78 -8.37 -3.61 2.11
N ASP B 79 -8.61 -3.80 3.41
CA ASP B 79 -9.93 -3.56 3.97
C ASP B 79 -10.37 -2.09 3.85
N MET B 80 -9.49 -1.15 4.23
CA MET B 80 -9.89 0.27 4.11
C MET B 80 -10.26 0.56 2.66
N LEU B 81 -9.35 0.29 1.71
CA LEU B 81 -9.60 0.64 0.31
C LEU B 81 -10.81 -0.06 -0.32
N LYS B 82 -11.14 -1.25 0.17
CA LYS B 82 -12.31 -2.01 -0.28
C LYS B 82 -13.62 -1.30 0.09
N VAL B 83 -13.64 -0.74 1.30
CA VAL B 83 -14.75 0.11 1.72
C VAL B 83 -14.89 1.33 0.78
N PHE B 84 -13.80 1.97 0.42
CA PHE B 84 -13.90 3.09 -0.53
C PHE B 84 -14.37 2.62 -1.92
N ARG B 85 -13.75 1.56 -2.42
CA ARG B 85 -14.02 1.03 -3.77
C ARG B 85 -15.48 0.61 -3.89
N ASN B 86 -15.96 -0.21 -2.95
CA ASN B 86 -17.38 -0.59 -2.88
C ASN B 86 -18.32 0.62 -2.89
N ALA B 87 -17.87 1.73 -2.32
CA ALA B 87 -18.74 2.92 -2.25
C ALA B 87 -18.83 3.56 -3.64
N GLU B 88 -17.70 3.68 -4.32
CA GLU B 88 -17.67 4.18 -5.69
C GLU B 88 -18.38 3.24 -6.67
N LYS B 89 -18.22 1.94 -6.47
CA LYS B 89 -18.87 0.96 -7.34
C LYS B 89 -20.38 1.10 -7.22
N TYR B 90 -20.89 1.35 -6.00
CA TYR B 90 -22.35 1.44 -5.78
C TYR B 90 -22.99 2.81 -6.02
N TYR B 91 -22.33 3.89 -5.61
CA TYR B 91 -22.89 5.23 -5.79
C TYR B 91 -22.38 5.92 -7.04
N GLY B 92 -21.18 5.57 -7.50
CA GLY B 92 -20.59 6.18 -8.69
C GLY B 92 -19.60 7.25 -8.31
N ARG B 93 -18.41 7.19 -8.90
CA ARG B 93 -17.34 8.17 -8.63
C ARG B 93 -17.86 9.61 -8.66
N LYS B 94 -18.91 9.87 -9.43
CA LYS B 94 -19.41 11.23 -9.69
C LYS B 94 -20.52 11.68 -8.73
N SER B 95 -21.15 10.74 -8.04
CA SER B 95 -22.19 11.03 -7.04
C SER B 95 -21.62 11.81 -5.83
N PRO B 96 -22.50 12.41 -5.00
CA PRO B 96 -21.96 13.18 -3.87
C PRO B 96 -21.20 12.29 -2.87
N VAL B 97 -21.58 11.03 -2.77
CA VAL B 97 -20.87 10.06 -1.93
C VAL B 97 -19.50 9.66 -2.49
N GLY B 98 -19.32 9.76 -3.81
CA GLY B 98 -18.04 9.47 -4.47
C GLY B 98 -17.10 10.67 -4.40
N ARG B 99 -17.66 11.86 -4.59
CA ARG B 99 -16.95 13.10 -4.36
C ARG B 99 -16.33 13.05 -2.96
N ASP B 100 -17.07 12.49 -2.00
CA ASP B 100 -16.63 12.38 -0.60
C ASP B 100 -15.55 11.32 -0.46
N VAL B 101 -15.88 10.09 -0.85
CA VAL B 101 -14.93 8.99 -0.78
C VAL B 101 -13.64 9.33 -1.46
N CYS B 102 -13.74 9.93 -2.63
CA CYS B 102 -12.55 10.39 -3.32
C CYS B 102 -11.68 11.21 -2.37
N ARG B 103 -12.28 12.21 -1.71
CA ARG B 103 -11.55 13.13 -0.84
C ARG B 103 -11.03 12.42 0.42
N LEU B 104 -11.80 11.44 0.88
CA LEU B 104 -11.37 10.65 2.02
C LEU B 104 -10.14 9.81 1.72
N ARG B 105 -10.00 9.31 0.48
CA ARG B 105 -8.79 8.57 0.08
C ARG B 105 -7.51 9.42 0.24
N LYS B 106 -7.54 10.66 -0.27
CA LYS B 106 -6.42 11.61 -0.10
C LYS B 106 -6.09 11.71 1.39
N ALA B 107 -7.11 11.84 2.23
CA ALA B 107 -6.90 11.91 3.69
C ALA B 107 -6.19 10.65 4.14
N TYR B 108 -6.72 9.52 3.69
CA TYR B 108 -6.14 8.22 3.99
C TYR B 108 -4.70 8.13 3.53
N TYR B 109 -4.36 8.56 2.31
CA TYR B 109 -2.97 8.38 1.88
C TYR B 109 -2.00 9.26 2.68
N ASN B 110 -2.47 10.41 3.17
CA ASN B 110 -1.58 11.24 3.98
C ASN B 110 -1.29 10.59 5.31
N ALA B 111 -2.35 10.21 6.02
CA ALA B 111 -2.18 9.60 7.33
C ALA B 111 -1.34 8.31 7.22
N ARG B 112 -1.58 7.55 6.16
CA ARG B 112 -0.75 6.39 5.88
C ARG B 112 0.69 6.76 5.52
N HIS B 113 0.90 7.82 4.75
CA HIS B 113 2.28 8.22 4.47
C HIS B 113 2.98 8.64 5.76
N GLU B 114 2.29 9.39 6.61
CA GLU B 114 2.89 9.89 7.85
C GLU B 114 3.21 8.78 8.85
N ALA B 115 2.32 7.79 8.96
CA ALA B 115 2.57 6.68 9.86
C ALA B 115 3.73 5.81 9.40
N SER B 116 4.04 5.85 8.11
CA SER B 116 4.89 4.83 7.50
C SER B 116 6.22 4.61 8.22
N ALA B 117 6.80 5.68 8.77
CA ALA B 117 8.06 5.54 9.49
C ALA B 117 7.86 4.60 10.68
N GLN B 118 6.88 4.90 11.53
CA GLN B 118 6.66 4.11 12.75
C GLN B 118 6.30 2.68 12.41
N ILE B 119 5.54 2.50 11.34
CA ILE B 119 5.15 1.17 10.86
C ILE B 119 6.36 0.36 10.42
N ASP B 120 7.33 1.03 9.80
CA ASP B 120 8.56 0.34 9.40
C ASP B 120 9.41 -0.05 10.59
N GLU B 121 9.53 0.84 11.57
CA GLU B 121 10.30 0.53 12.80
C GLU B 121 9.75 -0.70 13.52
N ILE B 122 8.42 -0.86 13.53
CA ILE B 122 7.77 -2.03 14.13
C ILE B 122 8.00 -3.27 13.28
N VAL B 123 7.51 -3.27 12.05
CA VAL B 123 7.65 -4.43 11.16
C VAL B 123 9.09 -4.90 11.03
N GLY B 124 10.01 -3.94 11.03
CA GLY B 124 11.45 -4.20 10.95
C GLY B 124 12.16 -4.31 12.29
N GLU B 125 11.49 -4.90 13.28
CA GLU B 125 12.13 -5.60 14.39
C GLU B 125 12.07 -7.11 14.08
N THR B 126 11.26 -7.46 13.09
CA THR B 126 11.15 -8.83 12.59
C THR B 126 12.33 -9.09 11.65
#